data_1UAN
#
_entry.id   1UAN
#
_cell.length_a   107.134
_cell.length_b   107.134
_cell.length_c   98.617
_cell.angle_alpha   90.00
_cell.angle_beta   90.00
_cell.angle_gamma   120.00
#
_symmetry.space_group_name_H-M   'P 3 2 1'
#
loop_
_entity.id
_entity.type
_entity.pdbx_description
1 polymer 'hypothetical protein TT1542'
2 water water
#
_entity_poly.entity_id   1
_entity_poly.type   'polypeptide(L)'
_entity_poly.pdbx_seq_one_letter_code
;MLDLLVVAPHPDDGELGCGGTLARAKAEGLSTGILDLTRGEMGSKGTPEEREKEVAEASRILGLDFRGNLGFPDGGLADV
PEQRLKLAQALRRLRPRVVFAPLEADRHPDHTAASRLAVAAVHLAGLRKAPLEGEPFRVERLFFYPGNHPFAPSFLVKIS
AFIDQWEAAVLAYRSQFTGEAASETVGPKGVEARKAMRRYWGNYLGVDYAEPFVSPLPVLYVPWSRA
;
_entity_poly.pdbx_strand_id   A,B
#
# COMPACT_ATOMS: atom_id res chain seq x y z
N MET A 1 15.12 -20.18 5.37
CA MET A 1 14.33 -18.98 5.01
C MET A 1 13.09 -19.42 4.24
N LEU A 2 12.04 -18.61 4.39
CA LEU A 2 10.83 -18.78 3.62
C LEU A 2 10.76 -17.42 3.11
N ASP A 3 10.25 -17.23 1.92
CA ASP A 3 9.97 -15.89 1.48
C ASP A 3 8.67 -15.39 2.17
N LEU A 4 7.77 -16.32 2.47
CA LEU A 4 6.45 -15.94 2.95
C LEU A 4 5.97 -17.04 3.87
N LEU A 5 5.60 -16.66 5.10
CA LEU A 5 5.06 -17.61 6.05
C LEU A 5 3.70 -17.03 6.56
N VAL A 6 2.69 -17.86 6.61
CA VAL A 6 1.42 -17.50 7.23
C VAL A 6 1.36 -18.24 8.56
N VAL A 7 1.13 -17.48 9.63
CA VAL A 7 0.91 -18.04 10.96
C VAL A 7 -0.60 -18.08 11.17
N ALA A 8 -1.14 -19.27 11.40
CA ALA A 8 -2.57 -19.44 11.55
C ALA A 8 -2.96 -20.11 12.90
N PRO A 9 -4.16 -19.81 13.44
CA PRO A 9 -4.51 -20.37 14.76
C PRO A 9 -4.77 -21.87 14.65
N HIS A 10 -5.37 -22.28 13.53
CA HIS A 10 -5.59 -23.71 13.26
C HIS A 10 -5.62 -23.98 11.78
N PRO A 11 -5.48 -25.26 11.43
CA PRO A 11 -5.44 -25.65 10.02
C PRO A 11 -6.75 -25.29 9.35
N ASP A 12 -6.66 -24.77 8.13
CA ASP A 12 -7.76 -24.22 7.29
C ASP A 12 -7.84 -22.66 7.36
N ASP A 13 -7.31 -22.08 8.43
CA ASP A 13 -7.50 -20.64 8.67
C ASP A 13 -6.51 -19.81 7.85
N GLY A 14 -5.26 -20.30 7.75
CA GLY A 14 -4.30 -19.70 6.81
C GLY A 14 -4.77 -19.82 5.39
N GLU A 15 -5.33 -20.97 5.00
CA GLU A 15 -5.89 -21.12 3.66
C GLU A 15 -7.07 -20.14 3.41
N LEU A 16 -7.96 -20.05 4.39
CA LEU A 16 -9.12 -19.18 4.25
C LEU A 16 -8.73 -17.71 4.04
N GLY A 17 -7.77 -17.24 4.81
CA GLY A 17 -7.34 -15.86 4.74
C GLY A 17 -6.36 -15.50 3.63
N CYS A 18 -5.47 -16.44 3.28
CA CYS A 18 -4.28 -16.09 2.47
C CYS A 18 -4.04 -17.02 1.29
N GLY A 19 -4.91 -17.98 1.07
CA GLY A 19 -4.65 -18.99 0.04
C GLY A 19 -4.27 -18.47 -1.36
N GLY A 20 -4.97 -17.43 -1.80
CA GLY A 20 -4.74 -16.87 -3.12
C GLY A 20 -3.36 -16.32 -3.24
N THR A 21 -2.98 -15.56 -2.21
CA THR A 21 -1.68 -14.90 -2.20
C THR A 21 -0.53 -15.95 -2.11
N LEU A 22 -0.74 -16.97 -1.27
CA LEU A 22 0.24 -18.06 -1.12
C LEU A 22 0.44 -18.72 -2.51
N ALA A 23 -0.67 -19.00 -3.20
CA ALA A 23 -0.63 -19.68 -4.52
C ALA A 23 0.06 -18.82 -5.54
N ARG A 24 -0.16 -17.51 -5.45
CA ARG A 24 0.55 -16.58 -6.31
C ARG A 24 2.07 -16.53 -6.05
N ALA A 25 2.45 -16.44 -4.78
CA ALA A 25 3.85 -16.39 -4.40
C ALA A 25 4.58 -17.67 -4.92
N LYS A 26 3.97 -18.83 -4.72
CA LYS A 26 4.48 -20.05 -5.31
C LYS A 26 4.66 -19.96 -6.83
N ALA A 27 3.61 -19.56 -7.54
CA ALA A 27 3.71 -19.30 -8.99
C ALA A 27 4.88 -18.40 -9.36
N GLU A 28 5.18 -17.43 -8.52
CA GLU A 28 6.28 -16.53 -8.79
C GLU A 28 7.64 -17.11 -8.30
N GLY A 29 7.64 -18.35 -7.82
CA GLY A 29 8.89 -18.99 -7.45
C GLY A 29 9.32 -18.81 -6.02
N LEU A 30 8.44 -18.27 -5.17
CA LEU A 30 8.83 -18.09 -3.76
C LEU A 30 8.63 -19.36 -2.99
N SER A 31 9.38 -19.52 -1.89
CA SER A 31 9.25 -20.66 -1.04
C SER A 31 8.24 -20.24 0.06
N THR A 32 7.14 -20.96 0.20
CA THR A 32 6.07 -20.53 1.10
C THR A 32 5.80 -21.56 2.15
N GLY A 33 5.16 -21.11 3.22
CA GLY A 33 4.76 -22.03 4.27
C GLY A 33 3.57 -21.55 5.10
N ILE A 34 2.98 -22.49 5.82
CA ILE A 34 1.98 -22.16 6.85
C ILE A 34 2.47 -22.82 8.15
N LEU A 35 2.56 -22.02 9.19
CA LEU A 35 2.71 -22.55 10.54
C LEU A 35 1.37 -22.48 11.33
N ASP A 36 0.75 -23.61 11.64
CA ASP A 36 -0.47 -23.63 12.42
C ASP A 36 -0.09 -23.68 13.89
N LEU A 37 -0.74 -22.86 14.71
CA LEU A 37 -0.37 -22.81 16.14
C LEU A 37 -0.99 -23.99 16.92
N THR A 38 -2.15 -24.45 16.49
CA THR A 38 -2.83 -25.56 17.17
C THR A 38 -3.26 -26.51 16.10
N ARG A 39 -3.70 -27.70 16.53
CA ARG A 39 -4.16 -28.70 15.58
C ARG A 39 -5.68 -28.65 15.35
N GLY A 40 -6.35 -27.65 15.91
CA GLY A 40 -7.76 -27.44 15.64
C GLY A 40 -8.65 -28.50 16.25
N GLU A 41 -8.19 -29.13 17.33
CA GLU A 41 -8.87 -30.27 17.95
C GLU A 41 -10.23 -29.96 18.59
N MET A 42 -10.53 -28.69 18.90
CA MET A 42 -11.84 -28.35 19.52
C MET A 42 -12.89 -28.02 18.45
N GLY A 43 -12.47 -27.99 17.18
CA GLY A 43 -13.38 -27.75 16.07
C GLY A 43 -13.33 -28.81 15.00
N SER A 44 -12.37 -29.74 15.10
CA SER A 44 -12.19 -30.75 14.04
C SER A 44 -13.20 -31.88 14.17
N LYS A 45 -13.69 -32.35 13.03
CA LYS A 45 -14.39 -33.62 12.94
C LYS A 45 -13.49 -34.57 12.13
N GLY A 46 -13.50 -35.86 12.46
CA GLY A 46 -12.69 -36.85 11.75
C GLY A 46 -11.52 -37.38 12.57
N THR A 47 -10.94 -38.49 12.11
CA THR A 47 -9.80 -39.13 12.81
C THR A 47 -8.48 -38.30 12.69
N PRO A 48 -7.44 -38.59 13.47
CA PRO A 48 -6.14 -37.93 13.24
C PRO A 48 -5.66 -38.05 11.78
N GLU A 49 -5.81 -39.23 11.19
CA GLU A 49 -5.41 -39.47 9.81
C GLU A 49 -6.22 -38.62 8.79
N GLU A 50 -7.52 -38.47 9.04
CA GLU A 50 -8.40 -37.73 8.13
C GLU A 50 -8.10 -36.24 8.12
N ARG A 51 -7.88 -35.67 9.29
CA ARG A 51 -7.57 -34.25 9.42
C ARG A 51 -6.17 -34.00 8.82
N GLU A 52 -5.25 -34.91 9.12
CA GLU A 52 -3.89 -34.87 8.55
C GLU A 52 -3.95 -34.91 7.03
N LYS A 53 -4.82 -35.74 6.47
CA LYS A 53 -4.93 -35.82 5.01
C LYS A 53 -5.46 -34.54 4.35
N GLU A 54 -6.42 -33.90 4.99
CA GLU A 54 -6.93 -32.60 4.49
C GLU A 54 -5.81 -31.55 4.47
N VAL A 55 -5.07 -31.48 5.56
CA VAL A 55 -3.93 -30.53 5.61
C VAL A 55 -2.93 -30.83 4.49
N ALA A 56 -2.64 -32.12 4.25
CA ALA A 56 -1.66 -32.44 3.22
C ALA A 56 -2.18 -32.07 1.85
N GLU A 57 -3.48 -32.29 1.62
CA GLU A 57 -4.05 -31.95 0.33
C GLU A 57 -4.11 -30.41 0.12
N ALA A 58 -4.51 -29.68 1.15
CA ALA A 58 -4.50 -28.19 1.02
C ALA A 58 -3.10 -27.67 0.74
N SER A 59 -2.13 -28.22 1.46
CA SER A 59 -0.74 -27.83 1.29
C SER A 59 -0.24 -28.11 -0.14
N ARG A 60 -0.62 -29.29 -0.64
CA ARG A 60 -0.34 -29.63 -2.03
C ARG A 60 -0.97 -28.62 -2.99
N ILE A 61 -2.25 -28.33 -2.83
CA ILE A 61 -2.92 -27.44 -3.78
C ILE A 61 -2.26 -26.08 -3.82
N LEU A 62 -1.89 -25.56 -2.66
CA LEU A 62 -1.24 -24.26 -2.66
C LEU A 62 0.24 -24.29 -3.00
N GLY A 63 0.84 -25.47 -3.07
CA GLY A 63 2.27 -25.53 -3.38
C GLY A 63 3.19 -25.09 -2.25
N LEU A 64 2.81 -25.33 -0.98
CA LEU A 64 3.67 -24.96 0.15
C LEU A 64 4.96 -25.79 0.17
N ASP A 65 6.09 -25.14 0.45
CA ASP A 65 7.31 -25.90 0.76
C ASP A 65 7.30 -26.37 2.18
N PHE A 66 6.75 -25.54 3.09
CA PHE A 66 6.74 -25.85 4.52
C PHE A 66 5.33 -25.92 5.11
N ARG A 67 5.11 -26.94 5.93
CA ARG A 67 3.89 -27.00 6.72
C ARG A 67 4.28 -27.49 8.07
N GLY A 68 3.96 -26.75 9.11
CA GLY A 68 4.23 -27.20 10.46
C GLY A 68 3.17 -26.82 11.46
N ASN A 69 3.26 -27.42 12.65
CA ASN A 69 2.36 -27.18 13.76
C ASN A 69 3.08 -27.07 15.13
N LEU A 70 2.69 -26.08 15.93
CA LEU A 70 3.28 -25.90 17.25
C LEU A 70 2.56 -26.67 18.35
N GLY A 71 1.38 -27.23 18.05
CA GLY A 71 0.67 -28.02 19.03
C GLY A 71 0.16 -27.30 20.28
N PHE A 72 -0.03 -25.99 20.20
CA PHE A 72 -0.67 -25.29 21.30
C PHE A 72 -2.14 -25.76 21.39
N PRO A 73 -2.74 -25.63 22.56
CA PRO A 73 -4.16 -26.00 22.76
C PRO A 73 -5.18 -25.15 21.99
N ASP A 74 -6.06 -25.81 21.24
CA ASP A 74 -7.15 -25.12 20.49
C ASP A 74 -8.11 -24.47 21.49
N GLY A 75 -8.42 -23.19 21.30
CA GLY A 75 -9.20 -22.47 22.30
C GLY A 75 -8.36 -22.03 23.50
N GLY A 76 -7.07 -22.32 23.52
CA GLY A 76 -6.19 -21.89 24.61
C GLY A 76 -5.01 -21.02 24.16
N LEU A 77 -5.07 -20.48 22.94
CA LEU A 77 -4.02 -19.57 22.51
C LEU A 77 -3.98 -18.35 23.43
N ALA A 78 -2.79 -17.95 23.84
CA ALA A 78 -2.71 -16.74 24.67
C ALA A 78 -1.34 -16.17 24.57
N ASP A 79 -1.28 -14.85 24.59
CA ASP A 79 -0.01 -14.16 24.61
C ASP A 79 0.70 -14.31 25.97
N VAL A 80 1.06 -15.54 26.32
CA VAL A 80 1.78 -15.88 27.58
C VAL A 80 3.23 -16.34 27.27
N PRO A 81 4.14 -16.26 28.25
CA PRO A 81 5.58 -16.49 28.00
C PRO A 81 5.87 -17.77 27.21
N GLU A 82 5.23 -18.89 27.57
CA GLU A 82 5.58 -20.17 26.96
C GLU A 82 5.23 -20.15 25.45
N GLN A 83 4.04 -19.64 25.11
CA GLN A 83 3.62 -19.58 23.72
C GLN A 83 4.44 -18.55 22.95
N ARG A 84 4.70 -17.41 23.57
CA ARG A 84 5.51 -16.40 22.94
C ARG A 84 6.90 -16.97 22.56
N LEU A 85 7.54 -17.62 23.54
CA LEU A 85 8.89 -18.09 23.31
C LEU A 85 8.90 -19.22 22.24
N LYS A 86 7.96 -20.14 22.30
CA LYS A 86 7.96 -21.20 21.32
C LYS A 86 7.68 -20.67 19.89
N LEU A 87 6.76 -19.72 19.72
CA LEU A 87 6.61 -19.10 18.39
C LEU A 87 7.84 -18.36 18.00
N ALA A 88 8.44 -17.61 18.94
CA ALA A 88 9.63 -16.88 18.56
C ALA A 88 10.72 -17.83 18.12
N GLN A 89 10.84 -18.96 18.82
CA GLN A 89 11.91 -19.94 18.42
C GLN A 89 11.65 -20.48 16.98
N ALA A 90 10.39 -20.76 16.68
CA ALA A 90 10.02 -21.18 15.31
C ALA A 90 10.35 -20.14 14.27
N LEU A 91 10.11 -18.85 14.59
CA LEU A 91 10.50 -17.79 13.65
C LEU A 91 11.98 -17.65 13.37
N ARG A 92 12.81 -17.81 14.39
CA ARG A 92 14.26 -17.85 14.13
C ARG A 92 14.70 -19.05 13.27
N ARG A 93 14.05 -20.17 13.43
CA ARG A 93 14.40 -21.34 12.67
C ARG A 93 13.97 -21.03 11.20
N LEU A 94 12.68 -20.67 11.04
CA LEU A 94 12.08 -20.47 9.69
C LEU A 94 12.60 -19.29 8.90
N ARG A 95 13.10 -18.29 9.59
CA ARG A 95 13.61 -17.06 9.00
C ARG A 95 12.73 -16.45 7.86
N PRO A 96 11.45 -16.23 8.12
CA PRO A 96 10.56 -15.69 7.10
C PRO A 96 10.81 -14.22 6.77
N ARG A 97 10.94 -13.91 5.49
CA ARG A 97 11.09 -12.52 5.17
C ARG A 97 9.78 -11.78 5.42
N VAL A 98 8.68 -12.40 5.02
CA VAL A 98 7.34 -11.77 5.16
C VAL A 98 6.48 -12.73 5.96
N VAL A 99 5.76 -12.22 6.97
CA VAL A 99 4.84 -13.07 7.74
C VAL A 99 3.43 -12.46 7.65
N PHE A 100 2.40 -13.31 7.51
CA PHE A 100 1.00 -12.87 7.61
C PHE A 100 0.46 -13.51 8.90
N ALA A 101 -0.26 -12.77 9.74
CA ALA A 101 -0.83 -13.34 10.96
C ALA A 101 -2.26 -12.78 11.04
N PRO A 102 -3.12 -13.40 11.80
CA PRO A 102 -4.53 -12.97 11.84
C PRO A 102 -4.67 -11.53 12.35
N LEU A 103 -5.67 -10.81 11.84
CA LEU A 103 -5.94 -9.49 12.40
C LEU A 103 -6.54 -9.64 13.83
N GLU A 104 -6.19 -8.74 14.74
CA GLU A 104 -6.64 -8.78 16.12
C GLU A 104 -8.18 -8.71 16.23
N ALA A 105 -8.84 -7.89 15.40
CA ALA A 105 -10.29 -7.73 15.51
C ALA A 105 -10.98 -9.00 15.04
N ASP A 106 -11.63 -9.71 15.97
CA ASP A 106 -12.29 -10.98 15.66
C ASP A 106 -13.26 -11.48 16.76
N ARG A 107 -14.28 -12.25 16.36
CA ARG A 107 -15.14 -12.93 17.34
C ARG A 107 -14.47 -14.12 18.00
N HIS A 108 -13.41 -14.63 17.37
CA HIS A 108 -12.71 -15.83 17.86
C HIS A 108 -11.49 -15.37 18.60
N PRO A 109 -11.50 -15.60 19.90
CA PRO A 109 -10.39 -15.18 20.75
C PRO A 109 -9.05 -15.81 20.35
N ASP A 110 -9.04 -16.97 19.70
CA ASP A 110 -7.78 -17.56 19.29
C ASP A 110 -7.12 -16.69 18.18
N HIS A 111 -7.92 -16.02 17.33
CA HIS A 111 -7.36 -15.19 16.28
C HIS A 111 -6.70 -13.98 16.85
N THR A 112 -7.37 -13.36 17.83
CA THR A 112 -6.84 -12.19 18.50
C THR A 112 -5.58 -12.55 19.20
N ALA A 113 -5.56 -13.72 19.86
CA ALA A 113 -4.36 -14.13 20.59
C ALA A 113 -3.21 -14.47 19.58
N ALA A 114 -3.54 -15.13 18.49
CA ALA A 114 -2.48 -15.45 17.48
C ALA A 114 -1.85 -14.18 17.00
N SER A 115 -2.70 -13.18 16.83
CA SER A 115 -2.27 -11.90 16.36
C SER A 115 -1.24 -11.30 17.31
N ARG A 116 -1.61 -11.23 18.60
CA ARG A 116 -0.67 -10.73 19.59
C ARG A 116 0.57 -11.61 19.73
N LEU A 117 0.40 -12.93 19.67
CA LEU A 117 1.58 -13.80 19.72
C LEU A 117 2.59 -13.50 18.59
N ALA A 118 2.09 -13.24 17.39
CA ALA A 118 2.99 -13.04 16.23
C ALA A 118 3.74 -11.74 16.46
N VAL A 119 3.05 -10.72 16.95
CA VAL A 119 3.75 -9.46 17.20
C VAL A 119 4.88 -9.63 18.21
N ALA A 120 4.54 -10.23 19.35
CA ALA A 120 5.51 -10.41 20.44
C ALA A 120 6.64 -11.33 20.01
N ALA A 121 6.32 -12.39 19.25
CA ALA A 121 7.34 -13.35 18.80
C ALA A 121 8.29 -12.77 17.77
N VAL A 122 7.78 -11.94 16.84
CA VAL A 122 8.62 -11.20 15.91
C VAL A 122 9.61 -10.32 16.68
N HIS A 123 9.13 -9.64 17.70
CA HIS A 123 10.05 -8.82 18.49
C HIS A 123 11.14 -9.67 19.20
N LEU A 124 10.71 -10.73 19.88
CA LEU A 124 11.62 -11.62 20.59
C LEU A 124 12.64 -12.33 19.72
N ALA A 125 12.19 -12.75 18.54
CA ALA A 125 13.06 -13.48 17.64
C ALA A 125 14.24 -12.59 17.23
N GLY A 126 14.01 -11.28 17.16
CA GLY A 126 15.01 -10.31 16.78
C GLY A 126 16.01 -9.89 17.86
N LEU A 127 15.79 -10.31 19.11
CA LEU A 127 16.64 -9.86 20.24
C LEU A 127 17.91 -10.70 20.51
N ARG A 128 19.06 -10.06 20.42
CA ARG A 128 20.36 -10.66 20.80
C ARG A 128 20.30 -11.48 22.10
N LYS A 129 19.72 -10.90 23.14
CA LYS A 129 19.68 -11.55 24.44
C LYS A 129 18.45 -12.34 24.80
N ALA A 130 17.50 -12.50 23.85
CA ALA A 130 16.33 -13.35 24.09
C ALA A 130 16.80 -14.76 24.43
N PRO A 131 16.12 -15.40 25.40
CA PRO A 131 16.50 -16.74 25.80
C PRO A 131 16.07 -17.76 24.76
N LEU A 132 16.67 -17.69 23.58
CA LEU A 132 16.35 -18.56 22.46
C LEU A 132 17.66 -19.08 21.86
N GLU A 133 17.56 -20.20 21.16
CA GLU A 133 18.66 -20.82 20.42
C GLU A 133 18.74 -20.31 18.99
N GLY A 134 19.98 -20.11 18.53
CA GLY A 134 20.21 -19.77 17.15
C GLY A 134 20.40 -18.28 16.97
N GLU A 135 20.66 -17.87 15.74
CA GLU A 135 20.96 -16.48 15.41
C GLU A 135 19.68 -15.64 15.52
N PRO A 136 19.80 -14.48 16.13
CA PRO A 136 18.69 -13.52 16.11
C PRO A 136 18.23 -13.30 14.65
N PHE A 137 16.92 -13.20 14.46
CA PHE A 137 16.35 -12.97 13.13
C PHE A 137 15.23 -11.95 13.19
N ARG A 138 15.30 -10.96 12.31
CA ARG A 138 14.33 -9.85 12.30
C ARG A 138 13.39 -9.98 11.08
N VAL A 139 12.13 -10.35 11.32
CA VAL A 139 11.14 -10.44 10.24
C VAL A 139 11.05 -9.07 9.59
N GLU A 140 11.18 -8.98 8.27
CA GLU A 140 11.17 -7.69 7.60
C GLU A 140 9.77 -7.07 7.52
N ARG A 141 8.76 -7.89 7.26
CA ARG A 141 7.39 -7.38 7.04
C ARG A 141 6.38 -8.31 7.67
N LEU A 142 5.47 -7.72 8.46
CA LEU A 142 4.41 -8.44 9.15
C LEU A 142 3.10 -7.80 8.78
N PHE A 143 2.20 -8.57 8.16
CA PHE A 143 0.93 -8.04 7.74
C PHE A 143 -0.14 -8.90 8.35
N PHE A 144 -1.39 -8.43 8.33
CA PHE A 144 -2.42 -9.17 9.01
C PHE A 144 -3.56 -9.46 8.09
N TYR A 145 -4.13 -10.65 8.20
CA TYR A 145 -5.26 -10.96 7.34
C TYR A 145 -6.54 -10.99 8.17
N PRO A 146 -7.61 -10.39 7.64
CA PRO A 146 -8.91 -10.35 8.32
C PRO A 146 -9.54 -11.74 8.41
N GLY A 147 -10.33 -11.91 9.47
CA GLY A 147 -11.07 -13.11 9.75
C GLY A 147 -12.56 -12.74 9.66
N ASN A 148 -13.25 -12.78 10.78
CA ASN A 148 -14.71 -12.58 10.71
C ASN A 148 -15.30 -11.25 11.16
N HIS A 149 -14.45 -10.27 11.45
CA HIS A 149 -14.87 -8.90 11.76
C HIS A 149 -14.53 -8.04 10.54
N PRO A 150 -15.34 -7.00 10.27
CA PRO A 150 -15.04 -6.01 9.22
C PRO A 150 -13.70 -5.31 9.47
N PHE A 151 -13.13 -4.73 8.42
CA PHE A 151 -11.79 -4.16 8.48
C PHE A 151 -11.70 -3.11 7.43
N ALA A 152 -10.70 -2.26 7.55
CA ALA A 152 -10.36 -1.31 6.51
C ALA A 152 -8.99 -1.80 5.97
N PRO A 153 -8.94 -2.35 4.76
CA PRO A 153 -7.69 -2.94 4.27
C PRO A 153 -6.64 -1.85 4.03
N SER A 154 -5.39 -2.18 4.29
CA SER A 154 -4.28 -1.30 3.95
C SER A 154 -3.88 -1.54 2.49
N PHE A 155 -3.99 -2.78 2.01
CA PHE A 155 -3.69 -3.06 0.61
C PHE A 155 -4.40 -4.30 0.20
N LEU A 156 -4.44 -4.57 -1.10
CA LEU A 156 -5.01 -5.84 -1.55
C LEU A 156 -3.94 -6.50 -2.41
N VAL A 157 -4.03 -7.82 -2.53
CA VAL A 157 -3.18 -8.56 -3.44
C VAL A 157 -4.07 -9.17 -4.57
N LYS A 158 -3.76 -8.80 -5.80
CA LYS A 158 -4.48 -9.32 -6.98
C LYS A 158 -4.28 -10.81 -7.03
N ILE A 159 -5.37 -11.57 -7.07
CA ILE A 159 -5.22 -13.04 -7.10
C ILE A 159 -6.13 -13.68 -8.14
N SER A 160 -6.52 -12.91 -9.12
CA SER A 160 -7.57 -13.38 -10.11
C SER A 160 -7.27 -14.77 -10.71
N ALA A 161 -6.02 -14.99 -11.07
CA ALA A 161 -5.58 -16.27 -11.69
C ALA A 161 -5.41 -17.40 -10.68
N PHE A 162 -5.52 -17.08 -9.38
CA PHE A 162 -5.30 -18.03 -8.31
C PHE A 162 -6.53 -18.34 -7.47
N ILE A 163 -7.69 -17.79 -7.87
CA ILE A 163 -8.95 -17.96 -7.13
C ILE A 163 -9.37 -19.41 -6.99
N ASP A 164 -9.20 -20.22 -8.04
CA ASP A 164 -9.55 -21.64 -7.99
C ASP A 164 -8.66 -22.45 -7.06
N GLN A 165 -7.37 -22.11 -6.98
CA GLN A 165 -6.50 -22.73 -5.95
C GLN A 165 -6.94 -22.34 -4.55
N TRP A 166 -7.23 -21.03 -4.35
CA TRP A 166 -7.68 -20.58 -3.05
C TRP A 166 -8.88 -21.43 -2.66
N GLU A 167 -9.84 -21.55 -3.57
CA GLU A 167 -11.07 -22.19 -3.19
C GLU A 167 -10.89 -23.71 -2.99
N ALA A 168 -10.08 -24.32 -3.84
CA ALA A 168 -9.83 -25.77 -3.73
C ALA A 168 -9.10 -26.11 -2.44
N ALA A 169 -8.17 -25.26 -1.97
CA ALA A 169 -7.48 -25.58 -0.71
C ALA A 169 -8.37 -25.44 0.48
N VAL A 170 -9.30 -24.49 0.44
CA VAL A 170 -10.27 -24.43 1.52
C VAL A 170 -11.21 -25.62 1.52
N LEU A 171 -11.72 -25.97 0.34
CA LEU A 171 -12.66 -27.10 0.18
C LEU A 171 -12.03 -28.49 0.47
N ALA A 172 -10.70 -28.53 0.45
CA ALA A 172 -9.95 -29.72 0.90
C ALA A 172 -10.30 -30.11 2.31
N TYR A 173 -10.74 -29.15 3.12
CA TYR A 173 -11.18 -29.47 4.44
C TYR A 173 -12.65 -29.95 4.38
N ARG A 174 -12.82 -31.14 3.78
CA ARG A 174 -14.14 -31.74 3.54
C ARG A 174 -14.96 -31.93 4.82
N SER A 175 -14.31 -32.37 5.89
CA SER A 175 -15.00 -32.48 7.17
C SER A 175 -15.52 -31.13 7.72
N GLN A 176 -15.03 -30.00 7.18
CA GLN A 176 -15.31 -28.66 7.72
C GLN A 176 -16.25 -27.80 6.85
N PHE A 177 -15.95 -27.74 5.54
CA PHE A 177 -16.72 -26.95 4.56
C PHE A 177 -17.56 -27.81 3.59
N THR A 178 -17.95 -29.01 4.04
CA THR A 178 -18.89 -29.89 3.32
C THR A 178 -19.77 -30.65 4.33
N VAL A 186 -18.24 -21.35 10.01
CA VAL A 186 -17.91 -21.31 8.54
C VAL A 186 -18.21 -22.68 7.91
N GLY A 187 -18.96 -22.67 6.79
CA GLY A 187 -19.30 -23.85 6.00
C GLY A 187 -19.23 -23.56 4.49
N PRO A 188 -20.02 -24.27 3.66
CA PRO A 188 -20.10 -23.94 2.22
C PRO A 188 -20.53 -22.47 1.99
N LYS A 189 -21.34 -21.93 2.90
CA LYS A 189 -21.83 -20.55 2.82
C LYS A 189 -20.73 -19.59 3.24
N GLY A 190 -19.97 -19.98 4.26
CA GLY A 190 -18.75 -19.30 4.66
C GLY A 190 -17.76 -19.12 3.51
N VAL A 191 -17.45 -20.23 2.82
CA VAL A 191 -16.59 -20.18 1.66
C VAL A 191 -17.08 -19.24 0.55
N GLU A 192 -18.36 -19.35 0.21
CA GLU A 192 -18.87 -18.48 -0.84
C GLU A 192 -18.86 -17.02 -0.36
N ALA A 193 -19.05 -16.77 0.93
CA ALA A 193 -18.93 -15.39 1.45
C ALA A 193 -17.51 -14.81 1.30
N ARG A 194 -16.49 -15.66 1.49
CA ARG A 194 -15.10 -15.18 1.45
C ARG A 194 -14.70 -15.05 0.03
N LYS A 195 -15.33 -15.85 -0.83
CA LYS A 195 -15.08 -15.64 -2.27
C LYS A 195 -15.69 -14.35 -2.75
N ALA A 196 -16.92 -14.08 -2.32
CA ALA A 196 -17.53 -12.74 -2.60
C ALA A 196 -16.72 -11.57 -2.02
N MET A 197 -16.15 -11.69 -0.81
CA MET A 197 -15.21 -10.65 -0.30
C MET A 197 -14.17 -10.32 -1.33
N ARG A 198 -13.51 -11.36 -1.89
CA ARG A 198 -12.41 -11.21 -2.84
C ARG A 198 -12.90 -10.56 -4.14
N ARG A 199 -14.10 -10.96 -4.56
CA ARG A 199 -14.68 -10.40 -5.79
C ARG A 199 -15.01 -8.93 -5.56
N TYR A 200 -15.61 -8.64 -4.41
CA TYR A 200 -16.01 -7.25 -4.06
C TYR A 200 -14.81 -6.33 -3.91
N TRP A 201 -13.82 -6.75 -3.09
CA TRP A 201 -12.64 -5.94 -2.95
C TRP A 201 -11.92 -5.79 -4.25
N GLY A 202 -11.80 -6.87 -5.02
CA GLY A 202 -11.01 -6.73 -6.24
C GLY A 202 -11.65 -5.71 -7.22
N ASN A 203 -12.97 -5.70 -7.29
CA ASN A 203 -13.69 -4.82 -8.21
C ASN A 203 -13.47 -3.33 -7.92
N TYR A 204 -13.28 -2.94 -6.67
CA TYR A 204 -12.85 -1.57 -6.39
C TYR A 204 -11.61 -1.19 -7.14
N LEU A 205 -10.69 -2.15 -7.34
CA LEU A 205 -9.39 -1.85 -7.95
C LEU A 205 -9.30 -2.35 -9.38
N GLY A 206 -10.45 -2.69 -9.97
CA GLY A 206 -10.47 -3.16 -11.35
C GLY A 206 -9.96 -4.57 -11.62
N VAL A 207 -9.98 -5.46 -10.63
CA VAL A 207 -9.51 -6.82 -10.89
C VAL A 207 -10.60 -7.76 -10.48
N ASP A 208 -10.57 -8.98 -11.03
CA ASP A 208 -11.59 -9.97 -10.76
C ASP A 208 -11.57 -10.39 -9.30
N TYR A 209 -10.38 -10.69 -8.74
CA TYR A 209 -10.30 -11.10 -7.33
C TYR A 209 -9.08 -10.54 -6.66
N ALA A 210 -9.24 -10.17 -5.39
CA ALA A 210 -8.10 -9.70 -4.62
C ALA A 210 -8.26 -10.01 -3.15
N GLU A 211 -7.15 -10.19 -2.42
CA GLU A 211 -7.20 -10.54 -1.01
C GLU A 211 -6.73 -9.38 -0.22
N PRO A 212 -7.51 -9.00 0.78
CA PRO A 212 -7.23 -7.80 1.61
C PRO A 212 -6.26 -8.10 2.74
N PHE A 213 -5.41 -7.14 3.04
CA PHE A 213 -4.52 -7.21 4.19
C PHE A 213 -4.48 -5.90 4.95
N VAL A 214 -4.08 -5.98 6.23
CA VAL A 214 -3.91 -4.79 7.03
C VAL A 214 -2.48 -4.69 7.48
N SER A 215 -1.97 -3.45 7.48
CA SER A 215 -0.66 -3.18 8.06
C SER A 215 -0.81 -2.01 9.04
N PRO A 216 -0.21 -2.05 10.23
CA PRO A 216 -0.24 -0.86 11.09
C PRO A 216 0.65 0.27 10.54
N LEU A 217 1.56 -0.05 9.64
CA LEU A 217 2.42 0.93 8.97
C LEU A 217 1.96 1.16 7.51
N PRO A 218 2.10 2.38 6.98
CA PRO A 218 1.89 2.53 5.54
C PRO A 218 2.90 1.66 4.79
N VAL A 219 2.51 0.99 3.72
CA VAL A 219 3.52 0.23 2.96
C VAL A 219 4.47 1.05 2.07
N LEU A 220 5.69 0.53 1.86
CA LEU A 220 6.60 1.07 0.86
C LEU A 220 6.14 0.64 -0.52
N TYR A 221 5.56 1.55 -1.26
CA TYR A 221 4.88 1.20 -2.48
C TYR A 221 5.55 1.93 -3.60
N VAL A 222 5.57 1.32 -4.77
CA VAL A 222 6.03 2.04 -5.97
C VAL A 222 4.79 2.33 -6.81
N PRO A 223 4.42 3.60 -6.89
CA PRO A 223 3.10 3.97 -7.41
C PRO A 223 2.86 3.61 -8.86
N TRP A 224 3.94 3.39 -9.62
CA TRP A 224 3.82 2.98 -11.03
C TRP A 224 4.03 1.51 -11.24
N SER A 225 4.24 0.73 -10.15
CA SER A 225 4.56 -0.70 -10.31
C SER A 225 3.37 -1.55 -10.75
N ARG A 226 3.63 -2.75 -11.24
CA ARG A 226 2.54 -3.59 -11.76
C ARG A 226 1.74 -4.26 -10.60
N ALA A 227 0.46 -4.52 -10.83
CA ALA A 227 -0.42 -5.11 -9.82
C ALA A 227 -0.03 -6.57 -9.47
N MET B 1 1.17 10.42 -23.62
CA MET B 1 1.16 9.96 -22.20
C MET B 1 2.32 10.56 -21.38
N LEU B 2 2.05 10.68 -20.08
CA LEU B 2 3.08 10.82 -19.08
C LEU B 2 2.97 9.56 -18.26
N ASP B 3 4.04 9.12 -17.63
CA ASP B 3 3.84 8.00 -16.70
C ASP B 3 3.27 8.53 -15.38
N LEU B 4 3.61 9.77 -15.10
CA LEU B 4 3.29 10.38 -13.80
C LEU B 4 3.14 11.87 -13.96
N LEU B 5 2.00 12.38 -13.55
CA LEU B 5 1.78 13.81 -13.50
C LEU B 5 1.36 14.25 -12.09
N VAL B 6 1.97 15.34 -11.62
CA VAL B 6 1.58 15.99 -10.38
C VAL B 6 0.82 17.25 -10.75
N VAL B 7 -0.43 17.30 -10.32
CA VAL B 7 -1.22 18.51 -10.39
C VAL B 7 -1.05 19.33 -9.12
N ALA B 8 -0.65 20.59 -9.26
CA ALA B 8 -0.34 21.43 -8.11
C ALA B 8 -1.10 22.73 -8.23
N PRO B 9 -1.50 23.30 -7.12
CA PRO B 9 -2.26 24.57 -7.14
C PRO B 9 -1.40 25.78 -7.58
N HIS B 10 -0.17 25.88 -7.11
CA HIS B 10 0.74 26.96 -7.52
C HIS B 10 2.15 26.41 -7.61
N PRO B 11 3.03 27.08 -8.37
CA PRO B 11 4.39 26.54 -8.55
C PRO B 11 5.15 26.47 -7.23
N ASP B 12 5.94 25.43 -7.08
CA ASP B 12 6.64 25.07 -5.82
C ASP B 12 5.86 24.00 -4.99
N ASP B 13 4.55 23.93 -5.16
CA ASP B 13 3.71 23.00 -4.40
C ASP B 13 3.89 21.55 -4.81
N GLY B 14 4.01 21.30 -6.12
CA GLY B 14 4.26 19.96 -6.60
C GLY B 14 5.61 19.46 -6.15
N GLU B 15 6.61 20.34 -6.22
CA GLU B 15 7.95 19.99 -5.79
C GLU B 15 7.95 19.67 -4.27
N LEU B 16 7.31 20.57 -3.52
CA LEU B 16 7.21 20.52 -2.06
C LEU B 16 6.65 19.14 -1.64
N GLY B 17 5.54 18.75 -2.29
CA GLY B 17 4.90 17.48 -2.02
C GLY B 17 5.46 16.20 -2.60
N CYS B 18 6.07 16.26 -3.79
CA CYS B 18 6.27 15.03 -4.54
C CYS B 18 7.59 15.01 -5.26
N GLY B 19 8.42 16.03 -5.04
CA GLY B 19 9.73 16.11 -5.69
C GLY B 19 10.64 14.87 -5.62
N GLY B 20 10.73 14.20 -4.46
CA GLY B 20 11.53 13.00 -4.37
C GLY B 20 11.02 11.90 -5.26
N THR B 21 9.70 11.74 -5.27
CA THR B 21 9.05 10.68 -6.05
C THR B 21 9.21 10.94 -7.58
N LEU B 22 8.97 12.18 -7.97
CA LEU B 22 9.22 12.66 -9.36
C LEU B 22 10.64 12.36 -9.79
N ALA B 23 11.64 12.66 -8.94
CA ALA B 23 13.05 12.36 -9.29
C ALA B 23 13.31 10.87 -9.41
N ARG B 24 12.75 10.09 -8.48
CA ARG B 24 12.87 8.64 -8.60
C ARG B 24 12.26 8.11 -9.91
N ALA B 25 11.04 8.55 -10.23
CA ALA B 25 10.37 8.10 -11.47
C ALA B 25 11.31 8.37 -12.67
N LYS B 26 11.84 9.57 -12.72
CA LYS B 26 12.75 9.97 -13.81
C LYS B 26 13.96 9.04 -13.86
N ALA B 27 14.62 8.81 -12.70
CA ALA B 27 15.75 7.87 -12.64
C ALA B 27 15.40 6.46 -13.13
N GLU B 28 14.15 6.06 -12.92
CA GLU B 28 13.73 4.74 -13.39
C GLU B 28 13.29 4.82 -14.85
N GLY B 29 13.44 6.00 -15.47
CA GLY B 29 13.19 6.16 -16.90
C GLY B 29 11.78 6.50 -17.32
N LEU B 30 10.96 6.96 -16.37
CA LEU B 30 9.58 7.31 -16.67
C LEU B 30 9.48 8.73 -17.18
N SER B 31 8.42 9.01 -17.91
CA SER B 31 8.12 10.35 -18.36
C SER B 31 7.28 11.05 -17.29
N THR B 32 7.71 12.23 -16.83
CA THR B 32 7.12 12.97 -15.71
C THR B 32 6.77 14.44 -15.99
N GLY B 33 5.79 14.97 -15.26
CA GLY B 33 5.42 16.36 -15.36
C GLY B 33 4.74 16.95 -14.15
N ILE B 34 4.73 18.27 -14.12
CA ILE B 34 3.93 19.01 -13.16
C ILE B 34 3.02 19.91 -13.97
N LEU B 35 1.72 19.88 -13.69
CA LEU B 35 0.82 20.86 -14.20
C LEU B 35 0.37 21.75 -13.07
N ASP B 36 0.71 23.04 -13.14
CA ASP B 36 0.30 23.99 -12.14
C ASP B 36 -1.04 24.58 -12.54
N LEU B 37 -1.94 24.71 -11.59
CA LEU B 37 -3.25 25.22 -11.91
C LEU B 37 -3.25 26.76 -11.95
N THR B 38 -2.40 27.41 -11.16
CA THR B 38 -2.28 28.87 -11.15
C THR B 38 -0.84 29.30 -11.22
N ARG B 39 -0.62 30.60 -11.41
CA ARG B 39 0.73 31.11 -11.44
C ARG B 39 1.20 31.53 -10.08
N GLY B 40 0.29 31.49 -9.10
CA GLY B 40 0.62 31.88 -7.73
C GLY B 40 0.87 33.38 -7.53
N GLU B 41 0.20 34.20 -8.34
CA GLU B 41 0.17 35.69 -8.25
C GLU B 41 -0.10 36.25 -6.88
N MET B 42 -1.05 35.66 -6.16
CA MET B 42 -1.43 36.22 -4.88
C MET B 42 -0.41 35.92 -3.77
N GLY B 43 0.65 35.20 -4.10
CA GLY B 43 1.69 34.91 -3.12
C GLY B 43 3.10 35.13 -3.63
N SER B 44 3.28 35.25 -4.94
CA SER B 44 4.62 35.37 -5.55
C SER B 44 5.35 36.63 -5.08
N LYS B 45 6.15 36.43 -4.03
CA LYS B 45 6.93 37.51 -3.46
C LYS B 45 8.24 37.68 -4.25
N GLY B 46 8.23 37.21 -5.49
CA GLY B 46 9.23 37.57 -6.47
C GLY B 46 8.50 38.26 -7.60
N THR B 47 9.22 38.62 -8.67
CA THR B 47 8.54 39.07 -9.88
C THR B 47 8.06 37.85 -10.69
N PRO B 48 6.99 38.01 -11.47
CA PRO B 48 6.65 37.08 -12.56
C PRO B 48 7.83 36.67 -13.48
N GLU B 49 8.78 37.59 -13.69
CA GLU B 49 9.96 37.32 -14.52
C GLU B 49 10.94 36.32 -13.86
N GLU B 50 11.17 36.48 -12.57
CA GLU B 50 12.14 35.65 -11.87
C GLU B 50 11.54 34.30 -11.48
N ARG B 51 10.26 34.33 -11.15
CA ARG B 51 9.47 33.13 -10.91
C ARG B 51 9.54 32.15 -12.09
N GLU B 52 9.59 32.69 -13.32
CA GLU B 52 9.72 31.88 -14.53
C GLU B 52 11.02 31.09 -14.53
N LYS B 53 12.11 31.73 -14.13
CA LYS B 53 13.41 31.07 -14.02
C LYS B 53 13.45 29.97 -12.91
N GLU B 54 12.74 30.24 -11.81
CA GLU B 54 12.71 29.32 -10.66
C GLU B 54 12.04 28.00 -11.06
N VAL B 55 10.88 28.12 -11.70
CA VAL B 55 10.12 27.01 -12.23
C VAL B 55 10.96 26.16 -13.21
N ALA B 56 11.69 26.83 -14.12
CA ALA B 56 12.60 26.14 -15.04
C ALA B 56 13.74 25.48 -14.32
N GLU B 57 14.33 26.16 -13.35
CA GLU B 57 15.41 25.52 -12.60
C GLU B 57 14.90 24.25 -11.83
N ALA B 58 13.80 24.42 -11.11
CA ALA B 58 13.18 23.30 -10.38
C ALA B 58 12.81 22.12 -11.32
N SER B 59 12.22 22.44 -12.49
CA SER B 59 11.90 21.41 -13.47
C SER B 59 13.14 20.66 -13.97
N ARG B 60 14.25 21.38 -14.15
CA ARG B 60 15.48 20.77 -14.63
C ARG B 60 16.05 19.83 -13.57
N ILE B 61 16.09 20.30 -12.32
CA ILE B 61 16.60 19.49 -11.23
C ILE B 61 15.86 18.16 -11.16
N LEU B 62 14.53 18.21 -11.29
CA LEU B 62 13.74 16.99 -11.20
C LEU B 62 13.73 16.23 -12.54
N GLY B 63 14.14 16.85 -13.63
CA GLY B 63 14.15 16.11 -14.90
C GLY B 63 12.76 15.91 -15.46
N LEU B 64 11.90 16.90 -15.28
CA LEU B 64 10.53 16.81 -15.77
C LEU B 64 10.48 16.77 -17.31
N ASP B 65 9.73 15.84 -17.87
CA ASP B 65 9.45 15.92 -19.31
C ASP B 65 8.50 17.05 -19.67
N PHE B 66 7.58 17.37 -18.76
CA PHE B 66 6.59 18.41 -19.02
C PHE B 66 6.39 19.35 -17.84
N ARG B 67 6.43 20.65 -18.12
CA ARG B 67 5.98 21.67 -17.18
C ARG B 67 4.95 22.58 -17.86
N GLY B 68 3.77 22.77 -17.27
CA GLY B 68 2.77 23.68 -17.81
C GLY B 68 1.98 24.42 -16.75
N ASN B 69 1.16 25.39 -17.18
CA ASN B 69 0.29 26.13 -16.25
C ASN B 69 -1.06 26.33 -16.92
N LEU B 70 -2.14 26.21 -16.16
CA LEU B 70 -3.48 26.44 -16.72
C LEU B 70 -3.99 27.87 -16.54
N GLY B 71 -3.28 28.69 -15.79
CA GLY B 71 -3.62 30.10 -15.63
C GLY B 71 -4.88 30.46 -14.87
N PHE B 72 -5.43 29.51 -14.09
CA PHE B 72 -6.56 29.78 -13.19
C PHE B 72 -6.16 30.83 -12.16
N PRO B 73 -7.13 31.55 -11.61
CA PRO B 73 -6.81 32.58 -10.61
C PRO B 73 -6.30 32.04 -9.25
N ASP B 74 -5.10 32.45 -8.85
CA ASP B 74 -4.60 32.20 -7.49
C ASP B 74 -5.59 32.67 -6.44
N GLY B 75 -5.87 31.82 -5.45
CA GLY B 75 -6.89 32.12 -4.44
C GLY B 75 -8.32 31.95 -4.91
N GLY B 76 -8.53 31.58 -6.17
CA GLY B 76 -9.86 31.39 -6.72
C GLY B 76 -10.12 30.01 -7.33
N LEU B 77 -9.29 29.03 -6.96
CA LEU B 77 -9.51 27.67 -7.46
C LEU B 77 -10.85 27.22 -6.88
N ALA B 78 -11.64 26.54 -7.70
CA ALA B 78 -12.95 26.11 -7.30
C ALA B 78 -13.35 25.01 -8.22
N ASP B 79 -14.12 24.09 -7.69
CA ASP B 79 -14.63 23.00 -8.47
C ASP B 79 -15.89 23.44 -9.22
N VAL B 80 -15.70 24.24 -10.25
CA VAL B 80 -16.79 24.78 -11.06
C VAL B 80 -16.59 24.29 -12.52
N PRO B 81 -17.64 24.30 -13.34
CA PRO B 81 -17.56 23.70 -14.68
C PRO B 81 -16.38 24.21 -15.50
N GLU B 82 -16.19 25.51 -15.54
CA GLU B 82 -15.09 26.12 -16.28
C GLU B 82 -13.74 25.47 -15.93
N GLN B 83 -13.42 25.40 -14.64
CA GLN B 83 -12.14 24.85 -14.22
C GLN B 83 -12.09 23.31 -14.41
N ARG B 84 -13.18 22.62 -14.08
CA ARG B 84 -13.27 21.19 -14.27
C ARG B 84 -12.92 20.86 -15.71
N LEU B 85 -13.57 21.59 -16.64
CA LEU B 85 -13.46 21.30 -18.06
C LEU B 85 -12.07 21.59 -18.61
N LYS B 86 -11.45 22.70 -18.23
CA LYS B 86 -10.07 22.95 -18.67
C LYS B 86 -9.07 21.95 -18.10
N LEU B 87 -9.30 21.51 -16.85
CA LEU B 87 -8.39 20.47 -16.29
C LEU B 87 -8.62 19.15 -17.01
N ALA B 88 -9.88 18.77 -17.24
CA ALA B 88 -10.15 17.51 -17.91
C ALA B 88 -9.50 17.50 -19.29
N GLN B 89 -9.48 18.67 -19.94
CA GLN B 89 -8.92 18.78 -21.29
C GLN B 89 -7.43 18.51 -21.20
N ALA B 90 -6.76 19.07 -20.19
CA ALA B 90 -5.31 18.91 -20.08
C ALA B 90 -4.95 17.44 -19.82
N LEU B 91 -5.77 16.76 -19.01
CA LEU B 91 -5.54 15.33 -18.70
C LEU B 91 -5.65 14.51 -19.97
N ARG B 92 -6.64 14.85 -20.82
CA ARG B 92 -6.75 14.19 -22.15
C ARG B 92 -5.55 14.49 -23.05
N ARG B 93 -4.99 15.70 -22.97
CA ARG B 93 -3.77 16.04 -23.68
C ARG B 93 -2.52 15.33 -23.13
N LEU B 94 -2.44 15.20 -21.81
CA LEU B 94 -1.25 14.59 -21.21
C LEU B 94 -1.31 13.10 -21.03
N ARG B 95 -2.49 12.51 -21.09
CA ARG B 95 -2.72 11.08 -20.86
C ARG B 95 -1.84 10.45 -19.70
N PRO B 96 -1.84 11.04 -18.50
CA PRO B 96 -1.00 10.51 -17.41
C PRO B 96 -1.53 9.18 -16.87
N ARG B 97 -0.63 8.19 -16.77
CA ARG B 97 -1.03 6.91 -16.19
C ARG B 97 -1.34 7.04 -14.66
N VAL B 98 -0.54 7.81 -13.96
CA VAL B 98 -0.73 8.06 -12.52
C VAL B 98 -0.74 9.55 -12.35
N VAL B 99 -1.73 10.05 -11.62
CA VAL B 99 -1.78 11.46 -11.21
C VAL B 99 -1.60 11.61 -9.66
N PHE B 100 -0.83 12.61 -9.22
CA PHE B 100 -0.86 13.00 -7.82
C PHE B 100 -1.54 14.36 -7.72
N ALA B 101 -2.46 14.52 -6.77
CA ALA B 101 -3.14 15.80 -6.54
C ALA B 101 -3.09 16.16 -5.03
N PRO B 102 -3.31 17.40 -4.63
CA PRO B 102 -3.23 17.71 -3.19
C PRO B 102 -4.31 16.99 -2.39
N LEU B 103 -3.98 16.65 -1.14
CA LEU B 103 -4.99 16.13 -0.22
C LEU B 103 -6.02 17.19 0.10
N GLU B 104 -7.28 16.81 0.20
CA GLU B 104 -8.36 17.73 0.49
C GLU B 104 -8.18 18.51 1.83
N ALA B 105 -7.69 17.82 2.86
CA ALA B 105 -7.63 18.42 4.20
C ALA B 105 -6.49 19.39 4.21
N ASP B 106 -6.79 20.68 4.38
CA ASP B 106 -5.76 21.71 4.34
C ASP B 106 -6.31 23.03 4.91
N ARG B 107 -5.42 23.90 5.36
CA ARG B 107 -5.82 25.25 5.73
C ARG B 107 -5.98 26.16 4.52
N HIS B 108 -5.44 25.74 3.36
CA HIS B 108 -5.45 26.59 2.16
C HIS B 108 -6.49 26.07 1.19
N PRO B 109 -7.51 26.89 0.96
CA PRO B 109 -8.67 26.47 0.17
C PRO B 109 -8.34 26.13 -1.29
N ASP B 110 -7.27 26.69 -1.86
CA ASP B 110 -6.81 26.25 -3.16
C ASP B 110 -6.40 24.77 -3.18
N HIS B 111 -5.72 24.29 -2.13
CA HIS B 111 -5.34 22.85 -2.08
C HIS B 111 -6.58 21.99 -2.12
N THR B 112 -7.55 22.37 -1.31
CA THR B 112 -8.82 21.67 -1.20
C THR B 112 -9.54 21.66 -2.55
N ALA B 113 -9.60 22.84 -3.18
CA ALA B 113 -10.22 22.95 -4.50
C ALA B 113 -9.46 22.15 -5.57
N ALA B 114 -8.13 22.18 -5.56
CA ALA B 114 -7.32 21.41 -6.53
C ALA B 114 -7.62 19.94 -6.36
N SER B 115 -7.80 19.50 -5.11
CA SER B 115 -8.16 18.10 -4.86
C SER B 115 -9.44 17.74 -5.57
N ARG B 116 -10.51 18.49 -5.29
CA ARG B 116 -11.83 18.24 -5.93
C ARG B 116 -11.74 18.36 -7.44
N LEU B 117 -11.05 19.39 -7.90
CA LEU B 117 -10.84 19.56 -9.35
C LEU B 117 -10.24 18.30 -9.99
N ALA B 118 -9.18 17.76 -9.41
CA ALA B 118 -8.55 16.56 -9.93
C ALA B 118 -9.51 15.38 -10.00
N VAL B 119 -10.26 15.12 -8.92
CA VAL B 119 -11.25 14.07 -8.92
C VAL B 119 -12.28 14.20 -10.05
N ALA B 120 -12.90 15.36 -10.14
CA ALA B 120 -13.93 15.61 -11.15
C ALA B 120 -13.39 15.56 -12.58
N ALA B 121 -12.19 16.11 -12.78
CA ALA B 121 -11.53 16.12 -14.10
C ALA B 121 -11.11 14.73 -14.56
N VAL B 122 -10.53 13.93 -13.64
CA VAL B 122 -10.27 12.53 -13.96
C VAL B 122 -11.54 11.89 -14.45
N HIS B 123 -12.67 12.17 -13.81
CA HIS B 123 -13.89 11.52 -14.21
C HIS B 123 -14.34 11.96 -15.65
N LEU B 124 -14.37 13.27 -15.87
CA LEU B 124 -14.87 13.86 -17.10
C LEU B 124 -13.99 13.44 -18.28
N ALA B 125 -12.67 13.47 -18.09
CA ALA B 125 -11.72 13.07 -19.11
C ALA B 125 -11.99 11.67 -19.67
N GLY B 126 -12.66 10.82 -18.89
CA GLY B 126 -12.87 9.45 -19.31
C GLY B 126 -14.22 9.19 -19.95
N LEU B 127 -15.04 10.23 -20.07
CA LEU B 127 -16.38 10.06 -20.57
C LEU B 127 -16.44 10.31 -22.09
N ARG B 128 -16.85 9.26 -22.80
CA ARG B 128 -17.10 9.34 -24.25
C ARG B 128 -17.82 10.64 -24.64
N LYS B 129 -18.92 10.91 -23.94
CA LYS B 129 -19.79 12.02 -24.33
C LYS B 129 -19.42 13.37 -23.72
N ALA B 130 -18.32 13.47 -22.97
CA ALA B 130 -17.94 14.75 -22.38
C ALA B 130 -17.66 15.83 -23.45
N PRO B 131 -17.98 17.10 -23.16
CA PRO B 131 -17.76 18.18 -24.14
C PRO B 131 -16.30 18.57 -24.23
N LEU B 132 -15.49 17.64 -24.69
CA LEU B 132 -14.05 17.86 -24.72
C LEU B 132 -13.49 17.38 -26.04
N GLU B 133 -12.32 17.89 -26.42
CA GLU B 133 -11.64 17.46 -27.65
C GLU B 133 -10.73 16.24 -27.44
N GLY B 134 -10.59 15.44 -28.49
CA GLY B 134 -9.70 14.28 -28.45
C GLY B 134 -10.41 13.02 -27.97
N GLU B 135 -9.66 11.93 -27.84
CA GLU B 135 -10.22 10.65 -27.38
C GLU B 135 -10.40 10.72 -25.84
N PRO B 136 -11.41 10.04 -25.31
CA PRO B 136 -11.57 9.87 -23.85
C PRO B 136 -10.34 9.16 -23.31
N PHE B 137 -9.85 9.60 -22.15
CA PHE B 137 -8.75 8.93 -21.46
C PHE B 137 -9.08 8.71 -19.96
N ARG B 138 -8.85 7.48 -19.49
CA ARG B 138 -9.07 7.05 -18.10
C ARG B 138 -7.77 6.98 -17.29
N VAL B 139 -7.56 7.97 -16.42
CA VAL B 139 -6.37 7.97 -15.55
C VAL B 139 -6.42 6.64 -14.72
N GLU B 140 -5.31 5.90 -14.68
CA GLU B 140 -5.31 4.59 -14.04
C GLU B 140 -5.33 4.70 -12.48
N ARG B 141 -4.50 5.59 -11.97
CA ARG B 141 -4.30 5.75 -10.51
C ARG B 141 -4.29 7.22 -10.16
N LEU B 142 -5.04 7.60 -9.12
CA LEU B 142 -5.05 8.98 -8.61
C LEU B 142 -4.71 8.92 -7.13
N PHE B 143 -3.61 9.56 -6.73
CA PHE B 143 -3.21 9.55 -5.31
C PHE B 143 -3.04 10.95 -4.87
N PHE B 144 -2.96 11.19 -3.54
CA PHE B 144 -3.00 12.52 -3.01
C PHE B 144 -1.82 12.79 -2.11
N TYR B 145 -1.25 13.97 -2.27
CA TYR B 145 -0.13 14.34 -1.43
C TYR B 145 -0.54 15.36 -0.36
N PRO B 146 -0.12 15.11 0.88
CA PRO B 146 -0.49 16.03 1.99
C PRO B 146 0.12 17.40 1.87
N GLY B 147 -0.57 18.41 2.38
CA GLY B 147 -0.06 19.76 2.44
C GLY B 147 0.26 20.12 3.88
N ASN B 148 -0.46 21.09 4.43
CA ASN B 148 -0.11 21.60 5.77
C ASN B 148 -0.96 21.05 6.87
N HIS B 149 -1.81 20.06 6.58
CA HIS B 149 -2.57 19.38 7.64
C HIS B 149 -2.12 17.93 7.86
N PRO B 150 -2.28 17.42 9.08
CA PRO B 150 -1.91 16.06 9.46
C PRO B 150 -2.70 15.07 8.64
N PHE B 151 -2.19 13.85 8.51
CA PHE B 151 -2.86 12.89 7.60
C PHE B 151 -2.42 11.51 8.06
N ALA B 152 -3.19 10.51 7.69
CA ALA B 152 -2.80 9.14 7.89
C ALA B 152 -2.40 8.59 6.48
N PRO B 153 -1.11 8.33 6.23
CA PRO B 153 -0.69 7.90 4.86
C PRO B 153 -1.19 6.49 4.53
N SER B 154 -1.56 6.30 3.25
CA SER B 154 -1.84 4.97 2.71
C SER B 154 -0.57 4.24 2.38
N PHE B 155 0.45 4.98 1.91
CA PHE B 155 1.71 4.33 1.54
C PHE B 155 2.78 5.34 1.52
N LEU B 156 4.03 4.87 1.51
CA LEU B 156 5.16 5.76 1.40
C LEU B 156 5.97 5.39 0.18
N VAL B 157 6.63 6.38 -0.43
CA VAL B 157 7.58 6.05 -1.50
C VAL B 157 8.98 6.31 -1.01
N LYS B 158 9.80 5.26 -1.04
CA LYS B 158 11.17 5.38 -0.62
C LYS B 158 11.90 6.29 -1.61
N ILE B 159 12.51 7.36 -1.08
CA ILE B 159 13.24 8.37 -1.83
C ILE B 159 14.62 8.70 -1.26
N SER B 160 15.20 7.80 -0.47
CA SER B 160 16.50 8.08 0.19
C SER B 160 17.58 8.63 -0.78
N ALA B 161 17.75 7.97 -1.93
CA ALA B 161 18.68 8.40 -2.97
C ALA B 161 18.32 9.71 -3.69
N PHE B 162 17.12 10.25 -3.42
CA PHE B 162 16.64 11.41 -4.15
C PHE B 162 16.34 12.59 -3.27
N ILE B 163 16.71 12.52 -1.99
CA ILE B 163 16.38 13.57 -1.04
C ILE B 163 17.00 14.90 -1.45
N ASP B 164 18.25 14.86 -1.91
CA ASP B 164 18.93 16.11 -2.36
C ASP B 164 18.26 16.77 -3.60
N GLN B 165 17.80 15.98 -4.58
CA GLN B 165 17.03 16.57 -5.67
C GLN B 165 15.76 17.21 -5.15
N TRP B 166 15.01 16.47 -4.29
CA TRP B 166 13.81 17.05 -3.67
C TRP B 166 14.15 18.40 -3.03
N GLU B 167 15.23 18.44 -2.24
CA GLU B 167 15.53 19.68 -1.52
C GLU B 167 15.99 20.81 -2.48
N ALA B 168 16.89 20.47 -3.41
CA ALA B 168 17.38 21.44 -4.42
C ALA B 168 16.20 22.03 -5.21
N ALA B 169 15.26 21.18 -5.65
CA ALA B 169 14.14 21.70 -6.43
C ALA B 169 13.25 22.66 -5.68
N VAL B 170 13.02 22.40 -4.40
CA VAL B 170 12.26 23.32 -3.57
C VAL B 170 13.03 24.62 -3.34
N LEU B 171 14.31 24.47 -3.04
CA LEU B 171 15.16 25.62 -2.76
C LEU B 171 15.34 26.47 -4.04
N ALA B 172 15.14 25.88 -5.22
CA ALA B 172 15.19 26.62 -6.51
C ALA B 172 14.32 27.87 -6.46
N TYR B 173 13.29 27.85 -5.62
CA TYR B 173 12.44 29.01 -5.44
C TYR B 173 13.09 30.01 -4.47
N ARG B 174 14.23 30.57 -4.89
CA ARG B 174 14.99 31.55 -4.11
C ARG B 174 14.14 32.70 -3.53
N SER B 175 13.19 33.22 -4.32
CA SER B 175 12.33 34.34 -3.90
C SER B 175 11.39 33.94 -2.76
N GLN B 176 11.02 32.67 -2.71
CA GLN B 176 10.15 32.16 -1.66
C GLN B 176 10.90 32.04 -0.32
N PHE B 177 12.22 31.81 -0.38
CA PHE B 177 13.02 31.51 0.80
C PHE B 177 14.21 32.50 0.96
N VAL B 186 5.96 31.30 3.53
CA VAL B 186 6.12 29.95 4.16
C VAL B 186 7.28 29.20 3.49
N GLY B 187 8.36 28.90 4.24
CA GLY B 187 9.45 28.21 3.59
C GLY B 187 10.82 27.77 4.12
N PRO B 188 11.64 28.60 4.76
CA PRO B 188 12.98 28.14 5.18
C PRO B 188 12.89 27.07 6.30
N LYS B 189 12.14 27.39 7.35
CA LYS B 189 11.75 26.41 8.36
C LYS B 189 10.70 25.44 7.77
N GLY B 190 9.90 25.92 6.82
CA GLY B 190 8.98 25.07 6.07
C GLY B 190 9.69 23.90 5.38
N VAL B 191 10.80 24.18 4.72
CA VAL B 191 11.55 23.15 3.99
C VAL B 191 12.15 22.15 4.97
N GLU B 192 12.76 22.69 6.01
CA GLU B 192 13.31 21.89 7.10
C GLU B 192 12.30 20.88 7.66
N ALA B 193 11.09 21.35 7.90
CA ALA B 193 10.01 20.58 8.46
C ALA B 193 9.57 19.50 7.47
N ARG B 194 9.67 19.79 6.17
CA ARG B 194 9.17 18.81 5.16
C ARG B 194 10.22 17.79 4.93
N LYS B 195 11.47 18.20 5.12
CA LYS B 195 12.53 17.18 5.09
C LYS B 195 12.47 16.27 6.34
N ALA B 196 12.18 16.88 7.49
CA ALA B 196 11.96 16.12 8.74
C ALA B 196 10.76 15.13 8.61
N MET B 197 9.63 15.58 8.02
CA MET B 197 8.52 14.65 7.65
C MET B 197 9.02 13.40 6.96
N ARG B 198 9.83 13.60 5.90
CA ARG B 198 10.37 12.49 5.12
C ARG B 198 11.30 11.59 5.94
N ARG B 199 12.08 12.22 6.83
CA ARG B 199 12.99 11.44 7.71
C ARG B 199 12.14 10.61 8.67
N TYR B 200 11.16 11.27 9.28
CA TYR B 200 10.28 10.66 10.27
C TYR B 200 9.48 9.51 9.69
N TRP B 201 8.72 9.76 8.62
CA TRP B 201 7.98 8.66 8.02
C TRP B 201 8.85 7.53 7.50
N GLY B 202 9.96 7.90 6.86
CA GLY B 202 10.86 6.92 6.31
C GLY B 202 11.36 5.99 7.42
N ASN B 203 11.69 6.55 8.58
CA ASN B 203 12.20 5.68 9.69
C ASN B 203 11.22 4.60 10.16
N TYR B 204 9.91 4.85 10.13
CA TYR B 204 8.96 3.77 10.45
C TYR B 204 9.16 2.52 9.65
N LEU B 205 9.60 2.70 8.41
CA LEU B 205 9.73 1.61 7.47
C LEU B 205 11.18 1.29 7.23
N GLY B 206 12.08 1.78 8.10
CA GLY B 206 13.48 1.39 8.01
C GLY B 206 14.22 1.97 6.81
N VAL B 207 13.77 3.13 6.32
CA VAL B 207 14.55 3.77 5.25
C VAL B 207 14.87 5.18 5.68
N ASP B 208 15.87 5.81 5.06
CA ASP B 208 16.29 7.19 5.44
C ASP B 208 15.25 8.27 5.18
N TYR B 209 14.58 8.21 4.02
CA TYR B 209 13.58 9.22 3.64
C TYR B 209 12.50 8.54 2.81
N ALA B 210 11.25 8.96 3.01
CA ALA B 210 10.17 8.47 2.21
C ALA B 210 9.10 9.54 2.11
N GLU B 211 8.33 9.59 1.01
CA GLU B 211 7.27 10.59 0.82
C GLU B 211 5.94 9.93 0.99
N PRO B 212 5.11 10.50 1.81
CA PRO B 212 3.77 9.97 2.08
C PRO B 212 2.69 10.41 1.10
N PHE B 213 1.79 9.47 0.77
CA PHE B 213 0.62 9.67 -0.08
C PHE B 213 -0.63 8.97 0.53
N VAL B 214 -1.79 9.41 0.07
CA VAL B 214 -3.07 8.95 0.55
C VAL B 214 -3.80 8.50 -0.68
N SER B 215 -4.47 7.34 -0.53
CA SER B 215 -5.36 6.81 -1.55
C SER B 215 -6.70 6.50 -0.89
N PRO B 216 -7.84 6.90 -1.47
CA PRO B 216 -9.13 6.47 -0.95
C PRO B 216 -9.37 4.95 -1.11
N LEU B 217 -8.60 4.29 -1.97
CA LEU B 217 -8.73 2.87 -2.20
C LEU B 217 -7.47 2.15 -1.65
N PRO B 218 -7.57 0.92 -1.14
CA PRO B 218 -6.34 0.20 -0.75
C PRO B 218 -5.51 0.00 -2.03
N VAL B 219 -4.20 0.08 -1.99
CA VAL B 219 -3.44 -0.13 -3.24
C VAL B 219 -3.27 -1.58 -3.56
N LEU B 220 -3.02 -1.86 -4.84
CA LEU B 220 -2.78 -3.21 -5.28
C LEU B 220 -1.28 -3.41 -5.01
N TYR B 221 -0.95 -4.16 -3.98
CA TYR B 221 0.46 -4.26 -3.57
C TYR B 221 0.90 -5.71 -3.69
N VAL B 222 2.20 -5.91 -3.89
CA VAL B 222 2.78 -7.24 -3.91
C VAL B 222 3.70 -7.28 -2.71
N PRO B 223 3.29 -8.03 -1.67
CA PRO B 223 3.89 -7.84 -0.33
C PRO B 223 5.36 -8.33 -0.23
N TRP B 224 5.86 -9.09 -1.21
CA TRP B 224 7.27 -9.45 -1.25
C TRP B 224 8.08 -8.61 -2.23
N SER B 225 7.48 -7.55 -2.80
CA SER B 225 8.14 -6.72 -3.82
C SER B 225 9.15 -5.77 -3.21
N ARG B 226 10.03 -5.24 -4.03
CA ARG B 226 11.11 -4.39 -3.51
C ARG B 226 10.60 -2.96 -3.22
N ALA B 227 11.25 -2.29 -2.29
CA ALA B 227 10.87 -0.92 -1.92
C ALA B 227 11.16 0.11 -3.02
#